data_3F53
#
_entry.id   3F53
#
_cell.length_a   66.361
_cell.length_b   66.361
_cell.length_c   172.371
_cell.angle_alpha   90.00
_cell.angle_beta   90.00
_cell.angle_gamma   90.00
#
_symmetry.space_group_name_H-M   'P 43 21 2'
#
loop_
_entity.id
_entity.type
_entity.pdbx_description
1 polymer 'Micronemal protein 1'
2 branched 'N-acetyl-alpha-neuraminic acid-(2-3)-2-deoxy-2-fluoro-beta-D-galactopyranose'
3 non-polymer 'CHLORIDE ION'
4 non-polymer 'ACETATE ION'
5 non-polymer GLYCEROL
6 water water
#
_entity_poly.entity_id   1
_entity_poly.type   'polypeptide(L)'
_entity_poly.pdbx_seq_one_letter_code
;VGPEAYGEASHSHSPASGRYIQQ(MSE)LDQRCQEIAAELCQSGLRK(MSE)CVPSSRIVARNAVGITHQNTLQWRCFDT
ASLLESNQENNGVNCVDDCGHTIPCPGGVHRQNSNHATRHEILSKLVEEGVQRFCSPYQASANKYCNDKFPGTIARRSKG
FGNNVEVAWRCYEKASLLYSVYAECASNCGTTWYCPGGRRGTSTELDKRHYTEEEGIRQAIGSVDSPCSEVEVCLPKDEN
PPLCLDESGQISRT
;
_entity_poly.pdbx_strand_id   A
#
# COMPACT_ATOMS: atom_id res chain seq x y z
N HIS A 13 -19.70 -3.30 6.08
CA HIS A 13 -18.24 -3.31 6.33
C HIS A 13 -17.56 -4.49 5.65
N SER A 14 -16.79 -4.19 4.61
CA SER A 14 -16.06 -5.20 3.84
C SER A 14 -14.79 -5.65 4.58
N PRO A 15 -14.39 -6.92 4.39
CA PRO A 15 -13.14 -7.42 4.94
C PRO A 15 -11.98 -6.90 4.08
N ALA A 16 -11.77 -5.59 4.10
CA ALA A 16 -10.85 -4.97 3.17
C ALA A 16 -10.15 -3.80 3.84
N SER A 17 -8.94 -3.50 3.35
CA SER A 17 -8.17 -2.37 3.86
C SER A 17 -8.93 -1.07 3.62
N GLY A 18 -8.95 -0.19 4.62
CA GLY A 18 -9.54 1.14 4.42
C GLY A 18 -8.59 2.15 3.76
N ARG A 19 -7.35 1.72 3.50
CA ARG A 19 -6.30 2.58 2.92
C ARG A 19 -6.18 3.86 3.75
N TYR A 20 -6.15 3.69 5.06
CA TYR A 20 -6.12 4.79 6.00
C TYR A 20 -4.81 5.58 5.94
N ILE A 21 -3.69 4.92 5.73
CA ILE A 21 -2.42 5.67 5.59
C ILE A 21 -2.46 6.61 4.38
N GLN A 22 -2.85 6.09 3.22
CA GLN A 22 -2.99 6.92 2.02
C GLN A 22 -3.94 8.10 2.23
N GLN A 23 -5.07 7.85 2.89
CA GLN A 23 -6.03 8.94 3.17
C GLN A 23 -5.40 10.06 3.98
N LEU A 25 -2.20 10.81 4.20
CA LEU A 25 -1.16 11.47 3.41
C LEU A 25 -1.79 12.46 2.45
N ASP A 26 -2.90 12.07 1.82
CA ASP A 26 -3.60 12.98 0.92
C ASP A 26 -4.07 14.24 1.68
N GLN A 27 -4.69 14.06 2.87
CA GLN A 27 -5.18 15.19 3.67
C GLN A 27 -4.05 16.14 4.12
N ARG A 28 -2.92 15.56 4.51
CA ARG A 28 -1.75 16.34 4.91
C ARG A 28 -1.21 17.14 3.71
N CYS A 29 -1.19 16.50 2.55
CA CYS A 29 -0.78 17.18 1.33
C CYS A 29 -1.74 18.31 0.95
N GLN A 30 -3.04 18.12 1.19
CA GLN A 30 -4.03 19.18 0.95
C GLN A 30 -3.80 20.41 1.83
N GLU A 31 -3.43 20.16 3.09
CA GLU A 31 -3.05 21.22 4.03
C GLU A 31 -1.76 21.94 3.60
N ILE A 32 -0.77 21.16 3.15
CA ILE A 32 0.51 21.74 2.72
C ILE A 32 0.33 22.61 1.47
N ALA A 33 -0.43 22.14 0.49
CA ALA A 33 -0.75 22.93 -0.69
C ALA A 33 -1.41 24.25 -0.29
N ALA A 34 -2.37 24.18 0.63
CA ALA A 34 -3.06 25.37 1.15
C ALA A 34 -2.10 26.36 1.83
N GLU A 35 -1.13 25.83 2.58
CA GLU A 35 -0.11 26.66 3.22
CA GLU A 35 -0.09 26.63 3.22
C GLU A 35 0.82 27.31 2.19
N LEU A 36 1.25 26.54 1.19
CA LEU A 36 2.09 27.07 0.10
C LEU A 36 1.34 28.17 -0.67
N CYS A 37 0.04 27.96 -0.90
CA CYS A 37 -0.80 28.99 -1.52
C CYS A 37 -0.77 30.31 -0.72
N GLN A 38 -0.91 30.19 0.59
CA GLN A 38 -0.83 31.36 1.48
C GLN A 38 0.55 32.02 1.50
N SER A 39 1.57 31.23 1.19
CA SER A 39 2.91 31.76 0.99
C SER A 39 3.12 32.43 -0.38
N GLY A 40 2.09 32.40 -1.22
CA GLY A 40 2.12 33.06 -2.53
C GLY A 40 2.35 32.13 -3.71
N LEU A 41 2.53 30.83 -3.44
CA LEU A 41 2.78 29.85 -4.52
C LEU A 41 1.49 29.57 -5.27
N ARG A 42 1.25 30.38 -6.30
CA ARG A 42 -0.06 30.45 -7.01
C ARG A 42 -0.58 29.11 -7.51
N LYS A 43 0.33 28.27 -8.02
CA LYS A 43 -0.05 26.99 -8.61
C LYS A 43 -0.56 25.95 -7.58
N CYS A 45 -2.76 26.98 -5.21
CA CYS A 45 -4.06 27.47 -4.75
C CYS A 45 -5.15 26.70 -5.47
N VAL A 46 -5.53 25.55 -4.91
CA VAL A 46 -6.46 24.63 -5.55
C VAL A 46 -7.45 24.02 -4.56
N PRO A 47 -8.61 23.51 -5.06
CA PRO A 47 -9.46 22.71 -4.16
C PRO A 47 -8.78 21.40 -3.78
N SER A 48 -9.19 20.84 -2.65
CA SER A 48 -8.58 19.62 -2.11
C SER A 48 -8.66 18.44 -3.08
N SER A 49 -9.70 18.41 -3.92
CA SER A 49 -9.85 17.31 -4.90
C SER A 49 -8.67 17.22 -5.90
N ARG A 50 -7.90 18.30 -6.04
CA ARG A 50 -6.76 18.36 -6.97
C ARG A 50 -5.45 17.84 -6.35
N ILE A 51 -5.45 17.53 -5.06
CA ILE A 51 -4.18 17.24 -4.39
C ILE A 51 -4.18 15.85 -3.78
N VAL A 52 -3.13 15.08 -4.09
CA VAL A 52 -2.91 13.74 -3.51
C VAL A 52 -1.43 13.58 -3.15
N ALA A 53 -1.12 12.65 -2.25
CA ALA A 53 0.27 12.28 -1.96
C ALA A 53 0.65 11.10 -2.84
N ARG A 54 1.77 11.21 -3.56
CA ARG A 54 2.29 10.04 -4.28
C ARG A 54 3.78 9.89 -4.02
N ASN A 55 4.25 8.66 -4.08
CA ASN A 55 5.65 8.36 -3.92
C ASN A 55 6.19 8.09 -5.34
N ALA A 56 7.11 8.92 -5.77
CA ALA A 56 7.48 9.01 -7.18
C ALA A 56 8.73 9.82 -7.44
N VAL A 57 9.25 9.70 -8.64
CA VAL A 57 10.13 10.69 -9.19
C VAL A 57 9.50 12.10 -9.25
N GLY A 58 10.32 13.09 -9.47
CA GLY A 58 9.86 14.45 -9.63
C GLY A 58 10.07 14.98 -11.02
N ILE A 59 10.35 16.27 -11.13
CA ILE A 59 10.83 16.84 -12.39
C ILE A 59 12.23 16.35 -12.71
N THR A 60 12.71 16.69 -13.91
CA THR A 60 14.06 16.33 -14.30
C THR A 60 15.17 16.60 -13.28
N HIS A 61 15.97 15.60 -13.00
CA HIS A 61 16.94 15.53 -11.91
C HIS A 61 16.39 15.23 -10.52
N GLN A 62 15.21 15.02 -10.39
CA GLN A 62 14.62 14.53 -9.16
C GLN A 62 14.37 13.07 -9.41
N ASN A 63 15.28 12.22 -9.34
CA ASN A 63 15.27 10.89 -9.86
C ASN A 63 15.09 9.82 -8.80
N THR A 64 14.96 10.20 -7.55
CA THR A 64 14.70 9.24 -6.53
C THR A 64 13.20 9.16 -6.21
N LEU A 65 12.73 8.02 -5.74
CA LEU A 65 11.35 7.92 -5.23
C LEU A 65 11.25 8.69 -3.93
N GLN A 66 10.40 9.71 -3.91
CA GLN A 66 10.15 10.50 -2.70
C GLN A 66 8.67 10.72 -2.55
N TRP A 67 8.21 10.95 -1.32
CA TRP A 67 6.84 11.38 -1.07
C TRP A 67 6.65 12.85 -1.43
N ARG A 68 5.70 13.10 -2.31
CA ARG A 68 5.48 14.45 -2.82
C ARG A 68 3.97 14.72 -2.91
N CYS A 69 3.60 15.98 -2.79
CA CYS A 69 2.20 16.40 -2.87
C CYS A 69 1.93 16.87 -4.29
N PHE A 70 1.20 16.06 -5.06
CA PHE A 70 0.95 16.35 -6.48
C PHE A 70 -0.40 16.99 -6.74
N ASP A 71 -0.41 17.94 -7.68
CA ASP A 71 -1.61 18.40 -8.35
C ASP A 71 -1.96 17.38 -9.41
N THR A 72 -3.10 16.70 -9.23
CA THR A 72 -3.54 15.64 -10.13
C THR A 72 -3.69 16.12 -11.59
N ALA A 73 -4.01 17.40 -11.76
CA ALA A 73 -4.14 18.00 -13.09
C ALA A 73 -2.80 18.03 -13.85
N SER A 74 -1.67 17.88 -13.13
CA SER A 74 -0.36 17.85 -13.79
C SER A 74 0.17 16.42 -14.03
N LEU A 75 -0.55 15.42 -13.54
CA LEU A 75 -0.15 14.03 -13.72
C LEU A 75 -0.51 13.55 -15.12
N LEU A 76 0.31 12.64 -15.63
CA LEU A 76 0.03 11.97 -16.90
C LEU A 76 -0.81 10.71 -16.68
N GLU A 77 -1.74 10.49 -17.59
CA GLU A 77 -2.67 9.37 -17.51
C GLU A 77 -1.95 8.04 -17.52
N SER A 78 -0.92 7.94 -18.31
CA SER A 78 -0.06 6.75 -18.30
C SER A 78 1.32 7.08 -17.75
N ASN A 79 2.02 6.10 -17.28
CA ASN A 79 3.45 6.20 -17.19
C ASN A 79 4.12 5.39 -18.25
N GLN A 80 5.33 5.72 -18.55
CA GLN A 80 6.19 5.06 -19.53
C GLN A 80 7.68 5.21 -19.25
N GLU A 81 8.22 4.35 -18.41
CA GLU A 81 7.56 3.63 -17.35
C GLU A 81 8.38 3.71 -16.07
N ASN A 82 9.39 4.58 -16.05
CA ASN A 82 10.14 4.87 -14.81
C ASN A 82 9.50 6.00 -13.98
N ASN A 83 8.51 6.66 -14.59
CA ASN A 83 7.86 7.81 -14.00
C ASN A 83 6.47 7.52 -13.45
N GLY A 84 6.23 6.27 -13.06
CA GLY A 84 4.96 5.89 -12.43
C GLY A 84 4.80 6.56 -11.09
N VAL A 85 3.57 6.71 -10.64
CA VAL A 85 3.35 7.17 -9.27
C VAL A 85 2.93 5.97 -8.42
N ASN A 86 3.28 6.04 -7.14
CA ASN A 86 2.97 4.98 -6.19
C ASN A 86 2.12 5.49 -5.04
N CYS A 87 1.14 4.66 -4.66
CA CYS A 87 0.36 4.89 -3.44
CA CYS A 87 0.36 4.90 -3.47
C CYS A 87 0.91 3.96 -2.38
N VAL A 88 0.33 3.99 -1.18
CA VAL A 88 0.87 3.19 -0.08
C VAL A 88 -0.21 2.30 0.56
N ASP A 89 0.13 1.04 0.86
CA ASP A 89 -0.79 0.16 1.60
C ASP A 89 -0.72 0.44 3.11
N ASP A 90 -1.58 -0.17 3.92
CA ASP A 90 -1.60 0.11 5.34
C ASP A 90 -0.51 -0.56 6.16
N CYS A 91 0.39 -1.27 5.47
CA CYS A 91 1.64 -1.73 6.09
C CYS A 91 2.84 -0.89 5.62
N GLY A 92 2.54 0.19 4.90
CA GLY A 92 3.56 1.20 4.56
C GLY A 92 4.38 0.87 3.32
N HIS A 93 3.90 -0.06 2.50
CA HIS A 93 4.58 -0.38 1.24
C HIS A 93 4.03 0.37 0.04
N THR A 94 4.94 0.93 -0.75
CA THR A 94 4.56 1.72 -1.93
C THR A 94 4.30 0.82 -3.13
N ILE A 95 3.20 1.08 -3.80
CA ILE A 95 2.66 0.23 -4.84
C ILE A 95 2.15 1.12 -5.97
N PRO A 96 2.44 0.77 -7.25
CA PRO A 96 1.98 1.54 -8.41
C PRO A 96 0.48 1.85 -8.40
N CYS A 97 0.18 3.14 -8.54
CA CYS A 97 -1.15 3.71 -8.65
CA CYS A 97 -1.21 3.51 -8.76
C CYS A 97 -1.34 4.30 -10.05
N PRO A 98 -2.60 4.57 -10.48
CA PRO A 98 -2.76 5.14 -11.83
C PRO A 98 -2.02 6.46 -12.03
N GLY A 99 -1.36 6.61 -13.18
CA GLY A 99 -0.81 7.89 -13.57
C GLY A 99 0.71 7.93 -13.67
N GLY A 100 1.21 9.03 -14.21
CA GLY A 100 2.64 9.20 -14.35
C GLY A 100 3.03 10.64 -14.15
N VAL A 101 4.29 10.84 -13.77
CA VAL A 101 4.84 12.18 -13.57
C VAL A 101 5.23 12.79 -14.91
N HIS A 102 4.81 14.03 -15.14
CA HIS A 102 5.32 14.79 -16.28
C HIS A 102 6.63 15.44 -15.86
N ARG A 103 7.73 14.96 -16.42
CA ARG A 103 9.07 15.30 -15.91
C ARG A 103 9.45 16.77 -16.14
N GLN A 104 8.75 17.45 -17.03
CA GLN A 104 9.00 18.88 -17.22
C GLN A 104 7.94 19.72 -16.51
N ASN A 105 6.69 19.26 -16.57
CA ASN A 105 5.56 20.08 -16.19
C ASN A 105 4.88 19.73 -14.88
N SER A 106 5.50 18.89 -14.07
CA SER A 106 4.82 18.46 -12.85
C SER A 106 4.57 19.66 -11.92
N ASN A 107 3.39 19.70 -11.30
CA ASN A 107 3.11 20.66 -10.25
C ASN A 107 3.04 19.89 -8.93
N HIS A 108 4.12 19.92 -8.16
CA HIS A 108 4.20 19.14 -6.92
C HIS A 108 5.08 19.82 -5.87
N ALA A 109 4.99 19.33 -4.64
CA ALA A 109 5.82 19.82 -3.55
C ALA A 109 6.35 18.58 -2.81
N THR A 110 7.66 18.39 -2.86
CA THR A 110 8.30 17.22 -2.22
C THR A 110 8.29 17.44 -0.72
N ARG A 111 7.72 16.48 0.01
CA ARG A 111 7.59 16.60 1.46
C ARG A 111 7.91 15.26 2.08
N HIS A 112 9.12 14.78 1.82
CA HIS A 112 9.46 13.40 2.11
C HIS A 112 9.46 13.08 3.60
N GLU A 113 9.94 14.02 4.41
CA GLU A 113 10.09 13.78 5.85
C GLU A 113 8.75 13.66 6.58
N ILE A 114 7.87 14.64 6.40
CA ILE A 114 6.60 14.62 7.13
C ILE A 114 5.74 13.45 6.65
N LEU A 115 5.73 13.21 5.34
CA LEU A 115 4.90 12.17 4.79
C LEU A 115 5.42 10.78 5.19
N SER A 116 6.74 10.60 5.19
CA SER A 116 7.36 9.37 5.71
C SER A 116 7.05 9.13 7.18
N LYS A 117 7.05 10.20 7.97
CA LYS A 117 6.73 10.09 9.40
C LYS A 117 5.28 9.63 9.61
N LEU A 118 4.37 10.18 8.82
CA LEU A 118 2.95 9.79 8.86
C LEU A 118 2.75 8.31 8.48
N VAL A 119 3.49 7.84 7.48
CA VAL A 119 3.47 6.42 7.12
C VAL A 119 3.92 5.54 8.28
N GLU A 120 5.08 5.85 8.86
CA GLU A 120 5.60 5.10 10.03
C GLU A 120 4.59 5.03 11.18
N GLU A 121 4.02 6.17 11.54
CA GLU A 121 2.98 6.20 12.57
C GLU A 121 1.73 5.38 12.22
N GLY A 122 1.29 5.48 10.97
CA GLY A 122 0.14 4.73 10.47
C GLY A 122 0.34 3.22 10.47
N VAL A 123 1.55 2.77 10.15
CA VAL A 123 1.85 1.32 10.16
C VAL A 123 1.54 0.69 11.53
N GLN A 124 1.88 1.38 12.61
CA GLN A 124 1.61 0.86 13.95
C GLN A 124 0.11 0.67 14.19
N ARG A 125 -0.69 1.62 13.72
CA ARG A 125 -2.15 1.57 13.88
C ARG A 125 -2.81 0.54 12.98
N PHE A 126 -2.39 0.50 11.70
CA PHE A 126 -3.19 -0.16 10.68
C PHE A 126 -2.63 -1.45 10.10
N CYS A 127 -1.36 -1.76 10.37
CA CYS A 127 -0.74 -2.92 9.73
C CYS A 127 -1.00 -4.21 10.52
N SER A 128 -1.68 -5.17 9.91
CA SER A 128 -1.90 -6.47 10.54
C SER A 128 -0.56 -7.15 10.90
N PRO A 129 -0.36 -7.54 12.18
CA PRO A 129 0.86 -8.28 12.52
C PRO A 129 1.06 -9.56 11.71
N TYR A 130 -0.03 -10.20 11.28
CA TYR A 130 0.05 -11.40 10.44
C TYR A 130 0.60 -11.07 9.05
N GLN A 131 0.10 -9.99 8.45
CA GLN A 131 0.60 -9.48 7.17
C GLN A 131 2.03 -8.98 7.27
N ALA A 132 2.35 -8.29 8.37
CA ALA A 132 3.71 -7.79 8.63
C ALA A 132 4.72 -8.95 8.64
N SER A 133 4.33 -10.05 9.27
CA SER A 133 5.13 -11.27 9.30
C SER A 133 5.34 -11.87 7.90
N ALA A 134 4.28 -11.96 7.11
CA ALA A 134 4.36 -12.43 5.74
C ALA A 134 5.26 -11.51 4.89
N ASN A 135 5.11 -10.20 5.07
CA ASN A 135 5.90 -9.20 4.35
C ASN A 135 7.38 -9.32 4.70
N LYS A 136 7.65 -9.54 5.99
CA LYS A 136 9.03 -9.68 6.49
C LYS A 136 9.70 -10.93 5.92
N TYR A 137 8.98 -12.05 5.91
CA TYR A 137 9.49 -13.25 5.28
C TYR A 137 9.93 -12.95 3.84
N CYS A 138 9.04 -12.33 3.07
CA CYS A 138 9.30 -12.01 1.67
C CYS A 138 10.48 -11.06 1.47
N ASN A 139 10.57 -10.01 2.29
CA ASN A 139 11.65 -9.03 2.15
C ASN A 139 13.02 -9.62 2.54
N ASP A 140 13.00 -10.50 3.55
CA ASP A 140 14.20 -11.21 3.99
C ASP A 140 14.72 -12.13 2.87
N LYS A 141 13.80 -12.81 2.19
CA LYS A 141 14.19 -13.75 1.15
C LYS A 141 14.47 -13.03 -0.18
N PHE A 142 13.57 -12.11 -0.54
CA PHE A 142 13.63 -11.39 -1.81
C PHE A 142 13.46 -9.91 -1.54
N PRO A 143 14.58 -9.19 -1.32
CA PRO A 143 14.52 -7.78 -0.90
C PRO A 143 13.60 -6.93 -1.78
N GLY A 144 12.71 -6.18 -1.13
CA GLY A 144 11.82 -5.28 -1.84
C GLY A 144 10.43 -5.86 -2.09
N THR A 145 10.26 -7.17 -1.89
CA THR A 145 8.96 -7.80 -2.16
C THR A 145 7.99 -7.73 -0.98
N ILE A 146 6.70 -7.87 -1.29
CA ILE A 146 5.64 -7.99 -0.27
C ILE A 146 4.76 -9.21 -0.57
N ALA A 147 4.02 -9.67 0.43
CA ALA A 147 3.19 -10.88 0.31
C ALA A 147 1.76 -10.53 -0.10
N ARG A 148 1.22 -11.26 -1.08
CA ARG A 148 -0.23 -11.25 -1.37
C ARG A 148 -0.56 -12.67 -1.79
N ARG A 149 -1.82 -13.06 -1.66
CA ARG A 149 -2.29 -14.32 -2.23
C ARG A 149 -3.02 -13.92 -3.50
N SER A 150 -2.33 -14.02 -4.64
CA SER A 150 -2.86 -13.42 -5.86
C SER A 150 -2.41 -14.19 -7.12
N LYS A 151 -2.63 -13.60 -8.29
CA LYS A 151 -2.39 -14.30 -9.55
C LYS A 151 -0.90 -14.27 -9.94
N GLY A 152 -0.52 -15.23 -10.77
CA GLY A 152 0.83 -15.28 -11.33
C GLY A 152 0.82 -14.86 -12.78
N PHE A 153 1.76 -15.40 -13.55
CA PHE A 153 1.93 -14.99 -14.94
C PHE A 153 0.98 -15.75 -15.87
N GLY A 154 0.17 -15.01 -16.61
CA GLY A 154 -0.64 -15.61 -17.67
C GLY A 154 -1.66 -16.62 -17.19
N ASN A 155 -2.24 -16.35 -16.04
CA ASN A 155 -3.31 -17.18 -15.48
C ASN A 155 -4.13 -16.23 -14.61
N ASN A 156 -5.32 -15.86 -15.07
CA ASN A 156 -6.12 -14.87 -14.32
C ASN A 156 -7.13 -15.52 -13.33
N VAL A 157 -6.93 -16.81 -13.04
CA VAL A 157 -7.78 -17.53 -12.07
C VAL A 157 -7.03 -17.91 -10.80
N GLU A 158 -5.94 -18.66 -10.93
CA GLU A 158 -5.23 -19.25 -9.78
C GLU A 158 -4.60 -18.22 -8.86
N VAL A 159 -4.87 -18.34 -7.56
CA VAL A 159 -4.20 -17.53 -6.55
C VAL A 159 -3.28 -18.41 -5.70
N ALA A 160 -2.20 -17.82 -5.22
CA ALA A 160 -1.27 -18.47 -4.30
C ALA A 160 -0.54 -17.39 -3.53
N TRP A 161 0.00 -17.73 -2.36
CA TRP A 161 0.83 -16.83 -1.60
C TRP A 161 2.20 -16.69 -2.28
N ARG A 162 2.54 -15.45 -2.64
CA ARG A 162 3.77 -15.15 -3.35
C ARG A 162 4.40 -13.87 -2.80
N CYS A 163 5.72 -13.78 -2.96
CA CYS A 163 6.45 -12.57 -2.71
C CYS A 163 6.53 -11.82 -4.02
N TYR A 164 5.84 -10.68 -4.08
CA TYR A 164 5.69 -9.89 -5.29
C TYR A 164 6.62 -8.69 -5.28
N GLU A 165 7.35 -8.47 -6.36
CA GLU A 165 8.03 -7.20 -6.56
C GLU A 165 6.95 -6.13 -6.61
N LYS A 166 7.10 -5.08 -5.80
CA LYS A 166 6.04 -4.08 -5.68
C LYS A 166 5.66 -3.41 -7.00
N ALA A 167 6.64 -3.20 -7.89
CA ALA A 167 6.41 -2.61 -9.21
C ALA A 167 5.47 -3.43 -10.10
N SER A 168 5.30 -4.71 -9.78
CA SER A 168 4.44 -5.60 -10.56
C SER A 168 2.98 -5.59 -10.07
N LEU A 169 2.72 -4.89 -8.96
CA LEU A 169 1.36 -4.83 -8.39
C LEU A 169 0.60 -3.58 -8.81
N LEU A 170 -0.73 -3.66 -8.67
CA LEU A 170 -1.62 -2.60 -9.07
C LEU A 170 -2.43 -2.21 -7.84
N TYR A 171 -2.28 -0.98 -7.41
CA TYR A 171 -2.94 -0.51 -6.21
C TYR A 171 -4.45 -0.55 -6.37
N SER A 172 -4.95 -0.30 -7.57
CA SER A 172 -6.40 -0.30 -7.80
C SER A 172 -6.99 -1.72 -7.82
N VAL A 173 -6.14 -2.75 -7.82
CA VAL A 173 -6.63 -4.14 -7.75
C VAL A 173 -6.44 -4.68 -6.33
N TYR A 174 -7.54 -5.07 -5.69
CA TYR A 174 -7.46 -5.64 -4.34
C TYR A 174 -7.09 -7.11 -4.47
N ALA A 175 -6.23 -7.59 -3.58
CA ALA A 175 -5.85 -9.00 -3.58
C ALA A 175 -5.82 -9.46 -2.14
N GLU A 176 -5.91 -10.77 -1.94
CA GLU A 176 -5.93 -11.32 -0.58
C GLU A 176 -4.65 -11.02 0.19
N CYS A 177 -4.85 -10.64 1.45
CA CYS A 177 -3.79 -10.43 2.42
C CYS A 177 -4.31 -10.95 3.77
N ALA A 178 -3.47 -10.93 4.81
CA ALA A 178 -3.81 -11.52 6.11
C ALA A 178 -4.42 -10.48 7.06
N SER A 179 -5.61 -10.76 7.60
CA SER A 179 -6.20 -9.85 8.58
C SER A 179 -5.42 -9.91 9.90
N ASN A 180 -5.79 -9.04 10.84
CA ASN A 180 -5.16 -9.01 12.15
C ASN A 180 -5.68 -10.11 13.12
N CYS A 181 -6.47 -11.03 12.57
CA CYS A 181 -6.73 -12.32 13.19
C CYS A 181 -6.13 -13.51 12.42
N GLY A 182 -5.32 -13.24 11.39
CA GLY A 182 -4.80 -14.34 10.55
C GLY A 182 -5.88 -15.02 9.74
N THR A 183 -6.86 -14.23 9.31
CA THR A 183 -7.97 -14.73 8.51
C THR A 183 -8.04 -13.97 7.17
N THR A 184 -8.90 -14.43 6.27
CA THR A 184 -9.02 -13.82 4.94
C THR A 184 -9.29 -12.32 5.00
N TRP A 185 -8.52 -11.55 4.23
CA TRP A 185 -8.68 -10.09 4.12
C TRP A 185 -8.25 -9.68 2.72
N TYR A 186 -8.57 -8.45 2.30
CA TYR A 186 -8.21 -7.94 0.95
C TYR A 186 -7.57 -6.57 1.03
N CYS A 187 -6.50 -6.37 0.25
CA CYS A 187 -5.65 -5.19 0.37
C CYS A 187 -5.40 -4.64 -1.02
N PRO A 188 -5.23 -3.31 -1.14
CA PRO A 188 -4.82 -2.78 -2.43
C PRO A 188 -3.44 -3.36 -2.80
N GLY A 189 -3.22 -3.55 -4.10
CA GLY A 189 -1.97 -4.08 -4.58
C GLY A 189 -2.14 -5.53 -4.95
N GLY A 190 -2.58 -5.75 -6.19
CA GLY A 190 -2.89 -7.08 -6.69
C GLY A 190 -2.44 -7.27 -8.13
N ARG A 191 -2.63 -8.49 -8.64
CA ARG A 191 -2.30 -8.85 -10.02
C ARG A 191 -3.57 -9.16 -10.81
N ARG A 192 -3.51 -8.92 -12.12
CA ARG A 192 -4.59 -9.30 -13.01
C ARG A 192 -4.38 -10.69 -13.64
N GLY A 193 -3.21 -11.27 -13.46
CA GLY A 193 -2.88 -12.51 -14.10
C GLY A 193 -2.71 -12.42 -15.59
N THR A 194 -2.35 -11.24 -16.08
CA THR A 194 -2.05 -10.98 -17.50
C THR A 194 -0.67 -11.55 -17.86
N SER A 195 -0.31 -11.44 -19.13
CA SER A 195 0.94 -11.99 -19.62
C SER A 195 1.93 -10.90 -20.05
N THR A 196 2.14 -9.89 -19.21
CA THR A 196 3.21 -8.91 -19.46
C THR A 196 4.47 -9.34 -18.73
N GLU A 197 5.60 -8.73 -19.06
CA GLU A 197 6.87 -9.04 -18.39
C GLU A 197 6.78 -8.80 -16.89
N LEU A 198 6.10 -7.71 -16.50
CA LEU A 198 5.87 -7.39 -15.10
C LEU A 198 5.16 -8.51 -14.35
N ASP A 199 4.24 -9.20 -15.03
CA ASP A 199 3.48 -10.31 -14.45
C ASP A 199 4.35 -11.51 -14.02
N LYS A 200 5.64 -11.46 -14.35
CA LYS A 200 6.58 -12.51 -13.97
C LYS A 200 7.31 -12.24 -12.66
N ARG A 201 7.22 -11.00 -12.18
CA ARG A 201 8.09 -10.51 -11.12
C ARG A 201 7.55 -10.85 -9.73
N HIS A 202 7.65 -12.13 -9.39
CA HIS A 202 7.19 -12.64 -8.11
C HIS A 202 7.86 -13.97 -7.82
N TYR A 203 7.71 -14.45 -6.59
CA TYR A 203 8.28 -15.71 -6.19
C TYR A 203 7.24 -16.41 -5.35
N THR A 204 6.68 -17.48 -5.88
CA THR A 204 5.63 -18.22 -5.18
C THR A 204 6.25 -18.94 -3.98
N GLU A 205 5.69 -18.71 -2.79
CA GLU A 205 6.25 -19.26 -1.55
C GLU A 205 5.14 -19.69 -0.60
N GLU A 206 4.36 -20.70 -0.98
CA GLU A 206 3.19 -21.10 -0.20
C GLU A 206 3.57 -21.50 1.22
N GLU A 207 4.54 -22.41 1.34
CA GLU A 207 4.92 -22.98 2.62
C GLU A 207 5.55 -21.95 3.54
N GLY A 208 6.55 -21.23 3.02
CA GLY A 208 7.23 -20.18 3.79
C GLY A 208 6.33 -19.03 4.23
N ILE A 209 5.41 -18.60 3.38
CA ILE A 209 4.52 -17.50 3.76
C ILE A 209 3.48 -17.97 4.80
N ARG A 210 2.93 -19.15 4.59
CA ARG A 210 1.96 -19.73 5.54
C ARG A 210 2.57 -19.96 6.91
N GLN A 211 3.82 -20.36 6.96
CA GLN A 211 4.53 -20.53 8.19
C GLN A 211 4.79 -19.22 8.87
N ALA A 212 5.14 -18.22 8.10
CA ALA A 212 5.32 -16.87 8.64
C ALA A 212 4.03 -16.38 9.31
N ILE A 213 2.91 -16.55 8.62
CA ILE A 213 1.59 -16.15 9.14
C ILE A 213 1.26 -16.96 10.40
N GLY A 214 1.44 -18.29 10.33
CA GLY A 214 1.18 -19.21 11.44
C GLY A 214 2.06 -19.01 12.68
N SER A 215 3.18 -18.32 12.51
CA SER A 215 4.13 -18.10 13.61
C SER A 215 3.78 -16.88 14.47
N VAL A 216 2.78 -16.10 14.03
CA VAL A 216 2.38 -14.89 14.76
C VAL A 216 1.54 -15.26 15.98
N ASP A 217 1.83 -14.61 17.11
CA ASP A 217 1.04 -14.82 18.32
C ASP A 217 -0.27 -14.04 18.25
N SER A 218 -1.37 -14.72 18.59
CA SER A 218 -2.69 -14.11 18.59
C SER A 218 -2.79 -12.89 19.53
N PRO A 219 -3.51 -11.85 19.10
CA PRO A 219 -3.81 -10.73 20.00
C PRO A 219 -4.84 -11.12 21.06
N CYS A 220 -5.47 -12.28 20.93
CA CYS A 220 -6.51 -12.73 21.86
C CYS A 220 -6.01 -13.92 22.63
N SER A 221 -6.66 -14.21 23.75
CA SER A 221 -6.33 -15.39 24.54
C SER A 221 -6.93 -16.64 23.88
N GLU A 222 -6.60 -17.78 24.42
CA GLU A 222 -7.07 -19.04 23.93
C GLU A 222 -8.52 -19.22 24.26
N VAL A 223 -9.03 -18.31 25.05
CA VAL A 223 -10.39 -18.38 25.53
C VAL A 223 -11.23 -17.22 24.96
N GLU A 224 -10.75 -16.66 23.85
CA GLU A 224 -11.42 -15.58 23.14
C GLU A 224 -11.46 -15.86 21.62
N VAL A 225 -12.48 -15.32 20.97
CA VAL A 225 -12.62 -15.40 19.51
C VAL A 225 -12.17 -14.08 18.91
N CYS A 226 -11.26 -14.16 17.95
CA CYS A 226 -10.71 -13.01 17.27
C CYS A 226 -11.59 -12.63 16.07
N LEU A 227 -12.14 -11.42 16.13
CA LEU A 227 -12.88 -10.86 15.00
C LEU A 227 -12.07 -9.71 14.43
N PRO A 228 -11.61 -9.84 13.17
CA PRO A 228 -10.68 -8.85 12.62
C PRO A 228 -11.30 -7.50 12.33
N LYS A 229 -10.45 -6.48 12.34
CA LYS A 229 -10.83 -5.11 12.07
C LYS A 229 -9.77 -4.47 11.18
N ASP A 230 -10.15 -3.38 10.50
CA ASP A 230 -9.26 -2.64 9.59
C ASP A 230 -8.23 -1.77 10.35
N GLU A 231 -8.22 -1.89 11.68
CA GLU A 231 -7.24 -1.24 12.54
C GLU A 231 -6.91 -2.17 13.71
N ASN A 232 -5.70 -2.06 14.26
CA ASN A 232 -5.29 -2.83 15.43
C ASN A 232 -5.78 -2.16 16.73
N PRO A 233 -6.16 -2.95 17.76
CA PRO A 233 -6.22 -4.40 17.75
C PRO A 233 -7.56 -4.90 17.20
N PRO A 234 -7.66 -6.19 16.85
CA PRO A 234 -8.95 -6.75 16.48
C PRO A 234 -9.83 -6.90 17.71
N LEU A 235 -11.09 -7.25 17.51
CA LEU A 235 -11.97 -7.56 18.63
C LEU A 235 -11.69 -8.96 19.17
N CYS A 236 -11.49 -9.05 20.49
CA CYS A 236 -11.38 -10.33 21.18
C CYS A 236 -12.60 -10.51 22.07
N LEU A 237 -13.49 -11.40 21.66
CA LEU A 237 -14.72 -11.65 22.40
C LEU A 237 -14.55 -12.92 23.21
N ASP A 238 -15.05 -12.88 24.45
CA ASP A 238 -15.04 -14.08 25.29
C ASP A 238 -15.75 -15.18 24.56
N GLU A 239 -15.09 -16.32 24.48
CA GLU A 239 -15.63 -17.48 23.82
C GLU A 239 -16.93 -17.89 24.52
N SER A 240 -17.85 -18.45 23.74
CA SER A 240 -19.16 -18.83 24.26
C SER A 240 -19.03 -20.10 25.10
N GLY A 241 -19.69 -20.11 26.25
CA GLY A 241 -19.65 -21.23 27.17
C GLY A 241 -20.41 -22.45 26.68
N GLN A 242 -20.30 -23.54 27.45
CA GLN A 242 -21.16 -24.71 27.27
C GLN A 242 -22.51 -24.39 27.92
N ILE A 243 -23.18 -23.39 27.37
CA ILE A 243 -24.45 -22.90 27.90
C ILE A 243 -25.57 -23.92 27.67
#